data_3QGH
#
_entry.id   3QGH
#
_cell.length_a   61.300
_cell.length_b   84.700
_cell.length_c   132.900
_cell.angle_alpha   90.00
_cell.angle_beta   90.00
_cell.angle_gamma   90.00
#
_symmetry.space_group_name_H-M   'P 21 21 21'
#
loop_
_entity.id
_entity.type
_entity.pdbx_description
1 polymer 'RNA-directed RNA polymerase'
2 non-polymer N-cyclopropyl-6-[(3R)-3-{[4-(trifluoromethoxy)benzyl]carbamoyl}-4-{[4-(trifluoromethoxy)phenyl]sulfonyl}piperazin-1-yl]pyridazine-3-carboxamide
3 non-polymer 'PHOSPHATE ION'
4 water water
#
_entity_poly.entity_id   1
_entity_poly.type   'polypeptide(L)'
_entity_poly.pdbx_seq_one_letter_code
;ASMSYSWTGALVTPCAAEEQKLPINALSNSLLRHHNLVYSTTSRSACQRQKKVTFDRLQVLDSHYQDVLKEVKAAASKVK
ANLLSVEEACSLTPPHSAKSKFGYGAKDVRCHARKAVAHINSVWKDLLEDSVTPIDTTIMAKNEVFCVQPEKGGRKPARL
IVFPDLGVRVCEKMALYDVVSKLPLAVMGSSYGFQYSPGQRVEFLVQAWKSKKTPMGFSYDTRCFDSTVTESDIRTEEAI
YQCCDLDPQARVAIKSLTERLYVGGPLTNSRGENCGYRRCRASGVLTTSCGNTLTCYIKARAACRAAGLQDCTMLVCGDD
LVVICESAGVQEDAASLRAFTEAMTRYSAPPGDPPQPEYDLELITSCSSNVSVAHDGAGKRVYYLTRDPTTPLARAAWET
ARHTPVNSWLGNIIMFAPTLWARMILMTHFFSVLIARDQLEQALNCEIYGACYSIEPLDLPPIIQRLHGLSAFSLHSYSP
GEINRVAACLRKLGVPPLRAWRHRARSVRARLLSRGGRAAICGKYLFNWAVRTKLKLTPIAAAGRLDLSGWFTAGYSGGD
IYHSVSHARPR
;
_entity_poly.pdbx_strand_id   A
#
# COMPACT_ATOMS: atom_id res chain seq x y z
N SER A 2 24.28 -13.62 6.97
CA SER A 2 23.31 -14.72 7.11
C SER A 2 22.32 -14.72 5.94
N MET A 3 21.79 -15.92 5.61
CA MET A 3 20.81 -16.09 4.53
C MET A 3 19.48 -15.55 5.03
N SER A 4 18.77 -14.78 4.18
CA SER A 4 17.44 -14.21 4.54
C SER A 4 16.46 -15.31 4.93
N TYR A 5 16.56 -16.48 4.25
CA TYR A 5 15.77 -17.69 4.50
C TYR A 5 16.60 -18.93 4.36
N SER A 6 16.19 -20.01 5.07
CA SER A 6 16.71 -21.39 4.96
C SER A 6 15.46 -22.24 4.82
N TRP A 7 15.42 -23.16 3.84
CA TRP A 7 14.22 -23.96 3.57
C TRP A 7 14.40 -25.44 3.85
N THR A 8 13.33 -26.15 4.17
CA THR A 8 13.39 -27.59 4.46
C THR A 8 13.04 -28.54 3.28
N GLY A 9 12.37 -28.03 2.26
CA GLY A 9 11.85 -28.90 1.21
C GLY A 9 10.34 -29.06 1.29
N ALA A 10 9.72 -28.72 2.47
CA ALA A 10 8.25 -28.73 2.59
C ALA A 10 7.77 -27.57 1.70
N LEU A 11 6.65 -27.75 1.01
CA LEU A 11 6.13 -26.73 0.11
C LEU A 11 5.30 -25.70 0.85
N VAL A 12 5.14 -24.51 0.22
CA VAL A 12 4.23 -23.47 0.70
C VAL A 12 2.87 -24.00 0.19
N THR A 13 1.97 -24.33 1.10
CA THR A 13 0.70 -24.96 0.73
C THR A 13 -0.52 -24.06 0.80
N PRO A 14 -1.57 -24.31 -0.04
CA PRO A 14 -2.79 -23.51 0.08
C PRO A 14 -3.67 -23.96 1.26
N CYS A 15 -4.73 -23.18 1.60
CA CYS A 15 -5.71 -23.50 2.64
C CYS A 15 -6.97 -24.08 1.98
N ALA A 16 -7.47 -23.36 0.98
CA ALA A 16 -8.65 -23.68 0.17
C ALA A 16 -8.20 -23.73 -1.29
N ALA A 17 -9.11 -24.15 -2.19
CA ALA A 17 -8.85 -24.22 -3.63
C ALA A 17 -8.45 -22.83 -4.15
N GLU A 18 -7.47 -22.79 -5.05
CA GLU A 18 -6.99 -21.55 -5.62
C GLU A 18 -7.28 -21.56 -7.11
N GLU A 19 -7.94 -20.52 -7.59
CA GLU A 19 -8.24 -20.38 -9.00
C GLU A 19 -7.21 -19.45 -9.64
N GLN A 20 -6.56 -19.92 -10.69
CA GLN A 20 -5.53 -19.16 -11.41
C GLN A 20 -6.14 -18.39 -12.58
N LYS A 21 -7.16 -18.95 -13.24
CA LYS A 21 -7.81 -18.35 -14.42
C LYS A 21 -8.89 -17.38 -14.01
N LEU A 22 -8.95 -16.23 -14.71
CA LEU A 22 -9.98 -15.21 -14.52
C LEU A 22 -11.38 -15.83 -14.73
N PRO A 23 -12.23 -15.92 -13.68
CA PRO A 23 -13.60 -16.41 -13.89
C PRO A 23 -14.37 -15.41 -14.75
N ILE A 24 -15.41 -15.88 -15.45
CA ILE A 24 -16.17 -15.02 -16.35
C ILE A 24 -17.67 -15.08 -16.09
N ASN A 25 -18.31 -13.91 -16.19
CA ASN A 25 -19.74 -13.69 -16.19
C ASN A 25 -19.96 -12.54 -17.19
N ALA A 26 -21.20 -12.31 -17.59
CA ALA A 26 -21.51 -11.29 -18.59
C ALA A 26 -21.03 -9.87 -18.19
N LEU A 27 -21.23 -9.50 -16.90
CA LEU A 27 -20.85 -8.17 -16.38
C LEU A 27 -19.33 -7.94 -16.35
N SER A 28 -18.54 -8.94 -15.93
CA SER A 28 -17.07 -8.79 -15.90
C SER A 28 -16.54 -8.71 -17.34
N ASN A 29 -17.12 -9.55 -18.24
CA ASN A 29 -16.78 -9.55 -19.67
C ASN A 29 -17.13 -8.19 -20.32
N SER A 30 -18.14 -7.46 -19.80
CA SER A 30 -18.51 -6.16 -20.38
C SER A 30 -17.44 -5.13 -20.09
N LEU A 31 -16.67 -5.37 -19.01
CA LEU A 31 -15.54 -4.55 -18.64
C LEU A 31 -14.31 -5.02 -19.43
N LEU A 32 -14.00 -6.33 -19.45
CA LEU A 32 -12.84 -6.86 -20.19
C LEU A 32 -13.04 -8.25 -20.77
N ARG A 33 -12.83 -8.34 -22.07
CA ARG A 33 -13.06 -9.55 -22.84
C ARG A 33 -11.86 -10.49 -22.93
N HIS A 34 -10.63 -9.96 -22.87
CA HIS A 34 -9.44 -10.82 -23.03
C HIS A 34 -9.04 -11.53 -21.73
N HIS A 35 -9.97 -12.36 -21.21
CA HIS A 35 -9.82 -13.09 -19.95
C HIS A 35 -8.55 -13.95 -19.85
N ASN A 36 -8.03 -14.46 -20.98
CA ASN A 36 -6.83 -15.32 -20.99
C ASN A 36 -5.55 -14.61 -20.58
N LEU A 37 -5.52 -13.28 -20.64
CA LEU A 37 -4.37 -12.45 -20.22
C LEU A 37 -4.37 -12.20 -18.71
N VAL A 38 -5.51 -12.41 -18.07
CA VAL A 38 -5.68 -12.14 -16.64
C VAL A 38 -5.52 -13.41 -15.82
N TYR A 39 -4.69 -13.34 -14.76
CA TYR A 39 -4.45 -14.48 -13.89
C TYR A 39 -4.33 -14.09 -12.43
N SER A 40 -4.51 -15.05 -11.56
CA SER A 40 -4.25 -14.87 -10.14
C SER A 40 -3.00 -15.67 -9.82
N THR A 41 -2.18 -15.10 -8.97
CA THR A 41 -1.01 -15.80 -8.46
C THR A 41 -1.50 -16.86 -7.44
N THR A 42 -0.84 -18.02 -7.36
CA THR A 42 -1.26 -19.07 -6.41
C THR A 42 -0.01 -19.72 -5.78
N SER A 43 -0.20 -20.65 -4.82
CA SER A 43 0.87 -21.44 -4.18
C SER A 43 1.72 -22.24 -5.17
N ARG A 44 1.20 -22.51 -6.39
CA ARG A 44 1.91 -23.26 -7.45
C ARG A 44 3.23 -22.57 -7.87
N SER A 45 3.34 -21.24 -7.70
CA SER A 45 4.54 -20.47 -8.08
C SER A 45 5.41 -20.03 -6.86
N ALA A 46 5.02 -20.44 -5.62
CA ALA A 46 5.75 -20.09 -4.38
C ALA A 46 7.23 -20.51 -4.43
N CYS A 47 7.52 -21.66 -5.04
CA CYS A 47 8.90 -22.15 -5.19
C CYS A 47 9.72 -21.15 -5.98
N GLN A 48 9.14 -20.57 -7.06
CA GLN A 48 9.83 -19.56 -7.87
C GLN A 48 10.13 -18.30 -7.06
N ARG A 49 9.18 -17.84 -6.23
CA ARG A 49 9.42 -16.66 -5.40
C ARG A 49 10.51 -16.90 -4.33
N GLN A 50 10.49 -18.09 -3.68
CA GLN A 50 11.46 -18.50 -2.66
C GLN A 50 12.91 -18.37 -3.15
N LYS A 51 13.17 -18.70 -4.44
CA LYS A 51 14.53 -18.61 -5.01
C LYS A 51 15.00 -17.16 -5.11
N LYS A 52 14.07 -16.25 -5.46
CA LYS A 52 14.38 -14.82 -5.58
C LYS A 52 14.65 -14.13 -4.21
N VAL A 53 13.84 -14.45 -3.20
CA VAL A 53 13.90 -13.82 -1.87
C VAL A 53 14.97 -14.41 -0.95
N THR A 54 15.63 -15.50 -1.37
CA THR A 54 16.65 -16.16 -0.57
C THR A 54 18.01 -15.74 -1.07
N PHE A 55 18.77 -15.04 -0.23
CA PHE A 55 20.11 -14.58 -0.53
C PHE A 55 20.80 -14.20 0.76
N ASP A 56 22.11 -14.13 0.68
CA ASP A 56 22.94 -13.70 1.77
C ASP A 56 22.91 -12.15 1.80
N ARG A 57 23.13 -11.56 2.96
CA ARG A 57 23.13 -10.09 3.05
C ARG A 57 24.52 -9.57 3.35
N LEU A 58 24.90 -8.49 2.67
CA LEU A 58 26.17 -7.79 2.89
C LEU A 58 25.83 -6.50 3.62
N GLN A 59 26.39 -6.30 4.82
CA GLN A 59 26.12 -5.07 5.54
C GLN A 59 27.36 -4.47 6.16
N VAL A 60 27.78 -3.31 5.64
CA VAL A 60 28.92 -2.52 6.13
C VAL A 60 28.39 -1.12 6.40
N LEU A 61 28.29 -0.76 7.67
CA LEU A 61 27.80 0.54 8.11
C LEU A 61 28.98 1.52 8.25
N ASP A 62 28.79 2.77 7.83
CA ASP A 62 29.86 3.78 7.88
C ASP A 62 29.39 4.96 8.71
N SER A 63 30.20 6.03 8.76
CA SER A 63 29.94 7.24 9.53
C SER A 63 28.67 7.97 9.05
N HIS A 64 28.36 7.89 7.74
CA HIS A 64 27.16 8.55 7.20
C HIS A 64 25.90 7.87 7.74
N TYR A 65 25.91 6.52 7.77
CA TYR A 65 24.81 5.74 8.35
C TYR A 65 24.63 6.08 9.83
N GLN A 66 25.74 6.02 10.62
CA GLN A 66 25.74 6.30 12.06
C GLN A 66 25.26 7.72 12.39
N ASP A 67 25.63 8.70 11.54
CA ASP A 67 25.18 10.10 11.73
C ASP A 67 23.66 10.20 11.64
N VAL A 68 23.06 9.55 10.65
CA VAL A 68 21.60 9.57 10.44
C VAL A 68 20.89 8.81 11.58
N LEU A 69 21.44 7.65 11.98
CA LEU A 69 20.85 6.86 13.07
C LEU A 69 20.81 7.67 14.37
N LYS A 70 21.87 8.45 14.66
CA LYS A 70 21.91 9.33 15.84
C LYS A 70 20.81 10.40 15.81
N GLU A 71 20.57 11.02 14.62
CA GLU A 71 19.49 12.04 14.46
C GLU A 71 18.12 11.40 14.68
N VAL A 72 17.92 10.19 14.12
CA VAL A 72 16.64 9.47 14.24
C VAL A 72 16.31 9.16 15.71
N LYS A 73 17.31 8.64 16.44
CA LYS A 73 17.19 8.32 17.86
C LYS A 73 16.94 9.59 18.67
N ALA A 74 17.62 10.73 18.34
CA ALA A 74 17.37 12.00 19.04
C ALA A 74 15.93 12.47 18.75
N ALA A 75 15.46 12.34 17.48
CA ALA A 75 14.10 12.74 17.12
C ALA A 75 13.05 11.85 17.80
N ALA A 76 13.34 10.54 17.91
CA ALA A 76 12.44 9.56 18.53
C ALA A 76 12.22 9.81 20.02
N SER A 77 13.23 10.38 20.71
CA SER A 77 13.18 10.71 22.14
C SER A 77 12.08 11.73 22.49
N LYS A 78 11.59 12.47 21.48
CA LYS A 78 10.53 13.46 21.72
C LYS A 78 9.13 12.82 21.72
N VAL A 79 9.02 11.55 21.32
CA VAL A 79 7.73 10.86 21.19
C VAL A 79 7.25 10.24 22.50
N LYS A 80 5.96 10.41 22.78
CA LYS A 80 5.29 9.73 23.88
C LYS A 80 4.26 8.84 23.21
N ALA A 81 4.34 7.53 23.48
CA ALA A 81 3.39 6.58 22.91
C ALA A 81 2.74 5.78 24.02
N ASN A 82 1.46 5.46 23.83
CA ASN A 82 0.66 4.76 24.82
C ASN A 82 0.50 3.29 24.54
N LEU A 83 0.26 2.55 25.60
CA LEU A 83 -0.04 1.16 25.52
C LEU A 83 -1.53 1.10 25.16
N LEU A 84 -1.91 0.31 24.14
CA LEU A 84 -3.32 0.17 23.79
C LEU A 84 -3.92 -0.93 24.66
N SER A 85 -5.20 -0.75 25.04
CA SER A 85 -5.96 -1.77 25.77
C SER A 85 -6.32 -2.89 24.79
N VAL A 86 -6.72 -4.05 25.30
CA VAL A 86 -7.11 -5.20 24.47
C VAL A 86 -8.26 -4.81 23.53
N GLU A 87 -9.31 -4.17 24.09
CA GLU A 87 -10.52 -3.76 23.41
C GLU A 87 -10.20 -2.89 22.21
N GLU A 88 -9.35 -1.89 22.44
CA GLU A 88 -8.87 -0.94 21.43
C GLU A 88 -8.11 -1.69 20.32
N ALA A 89 -7.17 -2.57 20.70
CA ALA A 89 -6.41 -3.38 19.73
C ALA A 89 -7.36 -4.33 18.96
N CYS A 90 -8.39 -4.86 19.65
CA CYS A 90 -9.40 -5.75 19.06
C CYS A 90 -10.15 -5.00 17.95
N SER A 91 -10.57 -3.75 18.25
CA SER A 91 -11.32 -2.91 17.30
C SER A 91 -10.52 -2.48 16.07
N LEU A 92 -9.19 -2.50 16.15
CA LEU A 92 -8.31 -2.14 15.04
C LEU A 92 -7.97 -3.31 14.11
N THR A 93 -8.45 -4.51 14.43
CA THR A 93 -8.21 -5.71 13.65
C THR A 93 -9.01 -5.66 12.36
N PRO A 94 -8.36 -5.76 11.19
CA PRO A 94 -9.12 -5.72 9.92
C PRO A 94 -10.12 -6.86 9.80
N PRO A 95 -11.28 -6.64 9.13
CA PRO A 95 -12.19 -7.76 8.93
C PRO A 95 -11.54 -8.73 7.94
N HIS A 96 -11.85 -10.01 8.07
CA HIS A 96 -11.33 -11.07 7.20
C HIS A 96 -9.86 -11.43 7.37
N SER A 97 -9.18 -10.91 8.41
CA SER A 97 -7.79 -11.33 8.63
C SER A 97 -7.80 -12.78 9.18
N ALA A 98 -6.78 -13.55 8.84
CA ALA A 98 -6.64 -14.97 9.17
C ALA A 98 -7.07 -15.30 10.59
N LYS A 99 -8.01 -16.25 10.72
CA LYS A 99 -8.49 -16.71 12.03
C LYS A 99 -7.34 -17.31 12.86
N SER A 100 -7.51 -17.35 14.18
CA SER A 100 -6.52 -17.94 15.07
C SER A 100 -6.63 -19.48 15.00
N LYS A 101 -5.53 -20.19 15.30
CA LYS A 101 -5.59 -21.65 15.36
C LYS A 101 -6.16 -22.06 16.73
N PHE A 102 -6.44 -21.06 17.59
CA PHE A 102 -6.97 -21.25 18.94
C PHE A 102 -8.50 -21.05 19.08
N GLY A 103 -9.23 -21.32 18.00
CA GLY A 103 -10.69 -21.34 17.99
C GLY A 103 -11.49 -20.04 17.90
N TYR A 104 -10.92 -18.99 17.30
CA TYR A 104 -11.66 -17.72 17.12
C TYR A 104 -11.10 -17.03 15.89
N GLY A 105 -11.90 -16.15 15.30
CA GLY A 105 -11.49 -15.43 14.12
C GLY A 105 -11.56 -13.93 14.30
N ALA A 106 -11.26 -13.20 13.21
CA ALA A 106 -11.26 -11.73 13.16
C ALA A 106 -12.58 -11.12 13.61
N LYS A 107 -13.74 -11.75 13.27
CA LYS A 107 -15.06 -11.29 13.67
C LYS A 107 -15.28 -11.32 15.19
N ASP A 108 -14.81 -12.40 15.85
CA ASP A 108 -14.89 -12.57 17.31
C ASP A 108 -14.04 -11.50 17.98
N VAL A 109 -12.83 -11.24 17.41
CA VAL A 109 -11.90 -10.23 17.93
C VAL A 109 -12.57 -8.87 17.85
N ARG A 110 -13.07 -8.48 16.65
CA ARG A 110 -13.73 -7.19 16.39
C ARG A 110 -14.97 -6.92 17.27
N CYS A 111 -15.70 -8.00 17.64
CA CYS A 111 -16.91 -7.98 18.50
C CYS A 111 -16.51 -8.03 19.95
N HIS A 112 -15.20 -8.17 20.24
CA HIS A 112 -14.64 -8.30 21.59
C HIS A 112 -15.23 -9.55 22.27
N ALA A 113 -15.42 -10.65 21.52
CA ALA A 113 -15.97 -11.90 22.11
C ALA A 113 -15.08 -12.34 23.27
N ARG A 114 -15.72 -12.79 24.37
CA ARG A 114 -15.05 -13.23 25.61
C ARG A 114 -13.91 -14.23 25.37
N LYS A 115 -14.14 -15.22 24.51
CA LYS A 115 -13.18 -16.28 24.22
C LYS A 115 -11.92 -15.71 23.54
N ALA A 116 -12.11 -14.79 22.56
CA ALA A 116 -11.02 -14.15 21.83
C ALA A 116 -10.18 -13.30 22.80
N VAL A 117 -10.85 -12.44 23.61
CA VAL A 117 -10.21 -11.57 24.61
C VAL A 117 -9.40 -12.37 25.64
N ALA A 118 -9.96 -13.47 26.19
CA ALA A 118 -9.24 -14.32 27.17
C ALA A 118 -7.94 -14.89 26.55
N HIS A 119 -7.98 -15.34 25.29
CA HIS A 119 -6.80 -15.89 24.60
C HIS A 119 -5.75 -14.79 24.37
N ILE A 120 -6.19 -13.62 23.88
CA ILE A 120 -5.30 -12.48 23.60
C ILE A 120 -4.58 -12.08 24.88
N ASN A 121 -5.33 -12.05 26.03
CA ASN A 121 -4.77 -11.74 27.36
C ASN A 121 -3.71 -12.74 27.76
N SER A 122 -3.89 -14.03 27.45
CA SER A 122 -2.88 -15.05 27.79
C SER A 122 -1.65 -14.90 26.89
N VAL A 123 -1.86 -14.52 25.61
CA VAL A 123 -0.74 -14.29 24.68
C VAL A 123 0.13 -13.10 25.22
N TRP A 124 -0.54 -12.02 25.66
CA TRP A 124 0.08 -10.83 26.23
C TRP A 124 0.90 -11.14 27.48
N LYS A 125 0.34 -11.93 28.41
CA LYS A 125 1.03 -12.32 29.65
C LYS A 125 2.28 -13.12 29.30
N ASP A 126 2.20 -13.98 28.27
CA ASP A 126 3.34 -14.79 27.84
C ASP A 126 4.44 -13.86 27.25
N LEU A 127 4.05 -12.77 26.56
CA LEU A 127 5.05 -11.82 26.02
C LEU A 127 5.78 -11.09 27.13
N LEU A 128 5.08 -10.82 28.25
CA LEU A 128 5.67 -10.17 29.42
C LEU A 128 6.59 -11.09 30.20
N GLU A 129 6.28 -12.41 30.21
CA GLU A 129 7.05 -13.38 30.99
C GLU A 129 8.16 -14.08 30.22
N ASP A 130 8.12 -14.07 28.87
CA ASP A 130 9.10 -14.77 28.04
C ASP A 130 9.56 -13.81 26.92
N SER A 131 10.86 -13.50 26.90
CA SER A 131 11.43 -12.56 25.93
C SER A 131 12.33 -13.27 24.92
N VAL A 132 12.32 -14.62 24.94
CA VAL A 132 13.24 -15.43 24.16
C VAL A 132 12.67 -16.46 23.19
N THR A 133 11.68 -17.27 23.63
CA THR A 133 11.18 -18.38 22.80
C THR A 133 10.63 -17.94 21.45
N PRO A 134 11.21 -18.45 20.33
CA PRO A 134 10.68 -18.08 19.01
C PRO A 134 9.18 -18.32 18.86
N ILE A 135 8.49 -17.33 18.29
CA ILE A 135 7.06 -17.42 18.04
C ILE A 135 6.88 -18.03 16.63
N ASP A 136 5.95 -18.99 16.51
CA ASP A 136 5.68 -19.60 15.21
C ASP A 136 5.02 -18.62 14.25
N THR A 137 5.30 -18.80 12.96
CA THR A 137 4.70 -18.03 11.89
C THR A 137 4.19 -19.00 10.82
N THR A 138 3.17 -18.56 10.08
CA THR A 138 2.65 -19.29 8.94
C THR A 138 3.17 -18.54 7.72
N ILE A 139 3.53 -19.30 6.67
CA ILE A 139 3.93 -18.80 5.37
C ILE A 139 2.83 -19.24 4.40
N MET A 140 2.33 -18.29 3.61
CA MET A 140 1.29 -18.52 2.60
C MET A 140 1.74 -17.82 1.34
N ALA A 141 1.21 -18.26 0.20
CA ALA A 141 1.45 -17.62 -1.07
C ALA A 141 0.27 -16.68 -1.27
N LYS A 142 0.54 -15.41 -1.49
CA LYS A 142 -0.52 -14.42 -1.66
C LYS A 142 -1.21 -14.67 -3.03
N ASN A 143 -2.53 -14.51 -3.09
CA ASN A 143 -3.34 -14.66 -4.30
C ASN A 143 -3.65 -13.25 -4.79
N GLU A 144 -2.94 -12.78 -5.82
CA GLU A 144 -3.13 -11.43 -6.39
C GLU A 144 -3.30 -11.54 -7.88
N VAL A 145 -4.06 -10.62 -8.43
CA VAL A 145 -4.40 -10.60 -9.84
C VAL A 145 -3.57 -9.60 -10.64
N PHE A 146 -3.06 -10.08 -11.80
CA PHE A 146 -2.27 -9.31 -12.75
C PHE A 146 -2.67 -9.66 -14.20
N CYS A 147 -2.15 -8.88 -15.14
CA CYS A 147 -2.25 -9.16 -16.55
C CYS A 147 -0.87 -9.70 -16.94
N VAL A 148 -0.83 -10.70 -17.85
CA VAL A 148 0.45 -11.28 -18.31
C VAL A 148 1.31 -10.18 -18.97
N GLN A 149 2.63 -10.24 -18.81
CA GLN A 149 3.54 -9.24 -19.38
C GLN A 149 4.16 -9.71 -20.72
N PRO A 150 4.64 -8.80 -21.62
CA PRO A 150 5.27 -9.29 -22.87
C PRO A 150 6.66 -9.87 -22.58
N GLU A 151 7.52 -9.09 -21.89
CA GLU A 151 8.87 -9.51 -21.49
C GLU A 151 8.88 -9.99 -20.03
N LYS A 152 8.66 -11.32 -19.85
CA LYS A 152 8.62 -12.11 -18.60
C LYS A 152 7.62 -13.27 -18.77
N ARG A 155 3.81 -14.79 -16.44
CA ARG A 155 3.26 -14.65 -15.09
C ARG A 155 4.33 -14.38 -14.04
N LYS A 156 3.98 -13.56 -13.06
CA LYS A 156 4.81 -13.25 -11.92
C LYS A 156 4.59 -14.35 -10.86
N PRO A 157 5.64 -14.79 -10.14
CA PRO A 157 5.42 -15.75 -9.03
C PRO A 157 4.64 -15.07 -7.89
N ALA A 158 3.92 -15.87 -7.06
CA ALA A 158 3.16 -15.34 -5.91
C ALA A 158 4.10 -14.73 -4.87
N ARG A 159 3.70 -13.61 -4.24
CA ARG A 159 4.47 -13.02 -3.14
C ARG A 159 4.20 -13.87 -1.90
N LEU A 160 5.20 -13.96 -1.01
CA LEU A 160 5.08 -14.80 0.17
C LEU A 160 4.72 -13.96 1.37
N ILE A 161 3.72 -14.40 2.13
CA ILE A 161 3.29 -13.70 3.34
C ILE A 161 3.64 -14.54 4.57
N VAL A 162 4.34 -13.93 5.52
CA VAL A 162 4.79 -14.54 6.75
C VAL A 162 4.11 -13.82 7.91
N PHE A 163 3.27 -14.53 8.69
CA PHE A 163 2.51 -13.88 9.76
C PHE A 163 2.36 -14.72 11.03
N PRO A 164 2.36 -14.10 12.22
CA PRO A 164 2.12 -14.88 13.44
C PRO A 164 0.60 -15.10 13.62
N ASP A 165 0.21 -15.87 14.64
CA ASP A 165 -1.20 -16.13 14.90
C ASP A 165 -1.96 -14.83 15.27
N LEU A 166 -3.27 -14.81 15.02
CA LEU A 166 -4.15 -13.67 15.29
C LEU A 166 -3.98 -13.09 16.69
N GLY A 167 -3.92 -13.95 17.71
CA GLY A 167 -3.75 -13.51 19.09
C GLY A 167 -2.53 -12.63 19.25
N VAL A 168 -1.39 -13.04 18.65
CA VAL A 168 -0.13 -12.31 18.64
C VAL A 168 -0.31 -10.96 17.89
N ARG A 169 -0.98 -10.99 16.73
CA ARG A 169 -1.23 -9.78 15.93
C ARG A 169 -1.96 -8.69 16.71
N VAL A 170 -2.90 -9.09 17.58
CA VAL A 170 -3.65 -8.14 18.42
C VAL A 170 -2.72 -7.55 19.47
N CYS A 171 -1.89 -8.40 20.12
CA CYS A 171 -0.84 -8.00 21.11
C CYS A 171 0.15 -7.02 20.49
N GLU A 172 0.50 -7.20 19.20
CA GLU A 172 1.43 -6.28 18.52
C GLU A 172 0.86 -4.86 18.53
N LYS A 173 -0.46 -4.72 18.30
CA LYS A 173 -1.15 -3.41 18.33
C LYS A 173 -1.18 -2.87 19.75
N MET A 174 -1.38 -3.74 20.75
CA MET A 174 -1.41 -3.27 22.16
C MET A 174 -0.06 -2.60 22.50
N ALA A 175 1.06 -3.26 22.17
CA ALA A 175 2.40 -2.77 22.46
C ALA A 175 2.89 -1.67 21.54
N LEU A 176 2.57 -1.74 20.23
CA LEU A 176 3.16 -0.85 19.22
C LEU A 176 2.30 -0.03 18.30
N TYR A 177 0.96 -0.19 18.31
CA TYR A 177 0.14 0.59 17.37
C TYR A 177 0.39 2.10 17.51
N ASP A 178 0.40 2.60 18.76
CA ASP A 178 0.63 4.02 19.02
C ASP A 178 2.02 4.50 18.62
N VAL A 179 3.02 3.60 18.69
CA VAL A 179 4.40 3.89 18.29
C VAL A 179 4.39 4.08 16.76
N VAL A 180 3.83 3.10 16.03
CA VAL A 180 3.77 3.15 14.56
C VAL A 180 2.98 4.33 14.00
N SER A 181 1.94 4.79 14.74
CA SER A 181 1.10 5.92 14.36
C SER A 181 1.78 7.28 14.57
N LYS A 182 2.86 7.36 15.39
CA LYS A 182 3.50 8.65 15.73
C LYS A 182 4.97 8.76 15.36
N LEU A 183 5.72 7.66 15.50
CA LEU A 183 7.17 7.64 15.27
C LEU A 183 7.65 8.08 13.89
N PRO A 184 7.13 7.56 12.76
CA PRO A 184 7.66 7.99 11.45
C PRO A 184 7.53 9.49 11.18
N LEU A 185 6.38 10.11 11.52
CA LEU A 185 6.21 11.55 11.34
C LEU A 185 7.20 12.33 12.21
N ALA A 186 7.34 11.95 13.48
CA ALA A 186 8.27 12.63 14.39
C ALA A 186 9.73 12.54 13.90
N VAL A 187 10.07 11.42 13.30
CA VAL A 187 11.43 11.15 12.84
C VAL A 187 11.78 11.80 11.50
N MET A 188 10.89 11.76 10.52
CA MET A 188 11.23 12.23 9.19
C MET A 188 10.45 13.42 8.65
N GLY A 189 9.51 13.91 9.45
CA GLY A 189 8.70 15.08 9.12
C GLY A 189 8.03 14.94 7.77
N SER A 190 8.28 15.91 6.89
CA SER A 190 7.71 15.97 5.55
C SER A 190 8.07 14.79 4.61
N SER A 191 9.16 14.05 4.89
CA SER A 191 9.58 12.87 4.13
C SER A 191 8.70 11.64 4.38
N TYR A 192 7.90 11.63 5.47
CA TYR A 192 6.99 10.51 5.76
C TYR A 192 5.80 10.53 4.77
N GLY A 193 5.81 9.61 3.82
CA GLY A 193 4.83 9.56 2.75
C GLY A 193 3.42 9.18 3.13
N PHE A 194 3.23 8.36 4.20
CA PHE A 194 1.89 7.91 4.58
C PHE A 194 0.94 8.95 5.15
N GLN A 195 1.43 10.15 5.47
CA GLN A 195 0.59 11.24 6.00
C GLN A 195 -0.16 11.92 4.83
N TYR A 196 0.25 11.67 3.59
CA TYR A 196 -0.33 12.40 2.48
C TYR A 196 -1.46 11.73 1.74
N SER A 197 -2.39 12.56 1.29
CA SER A 197 -3.44 12.15 0.38
C SER A 197 -2.77 12.15 -1.02
N PRO A 198 -3.40 11.61 -2.09
CA PRO A 198 -2.78 11.72 -3.42
C PRO A 198 -2.51 13.19 -3.86
N GLY A 199 -3.42 14.11 -3.50
CA GLY A 199 -3.29 15.54 -3.79
C GLY A 199 -2.14 16.21 -3.05
N GLN A 200 -1.88 15.78 -1.81
CA GLN A 200 -0.77 16.33 -1.02
C GLN A 200 0.54 15.73 -1.49
N ARG A 201 0.52 14.46 -1.91
CA ARG A 201 1.75 13.84 -2.41
C ARG A 201 2.17 14.55 -3.71
N VAL A 202 1.21 14.83 -4.63
CA VAL A 202 1.51 15.51 -5.89
C VAL A 202 2.04 16.94 -5.67
N GLU A 203 1.41 17.68 -4.74
CA GLU A 203 1.78 19.04 -4.33
C GLU A 203 3.20 19.01 -3.77
N PHE A 204 3.52 18.01 -2.93
CA PHE A 204 4.85 17.83 -2.33
C PHE A 204 5.90 17.62 -3.42
N LEU A 205 5.62 16.71 -4.38
CA LEU A 205 6.57 16.40 -5.45
C LEU A 205 6.77 17.59 -6.41
N VAL A 206 5.67 18.27 -6.79
CA VAL A 206 5.72 19.42 -7.68
C VAL A 206 6.51 20.58 -7.03
N GLN A 207 6.23 20.87 -5.75
CA GLN A 207 6.92 21.92 -5.00
C GLN A 207 8.42 21.59 -4.82
N ALA A 208 8.75 20.30 -4.54
CA ALA A 208 10.13 19.84 -4.40
C ALA A 208 10.88 20.05 -5.73
N TRP A 209 10.25 19.65 -6.85
CA TRP A 209 10.77 19.79 -8.22
C TRP A 209 11.07 21.25 -8.59
N LYS A 210 10.10 22.15 -8.29
CA LYS A 210 10.17 23.60 -8.58
C LYS A 210 11.16 24.34 -7.68
N SER A 211 11.43 23.82 -6.48
CA SER A 211 12.39 24.44 -5.55
C SER A 211 13.86 24.30 -6.03
N LYS A 212 14.16 23.39 -6.98
CA LYS A 212 15.53 23.20 -7.47
C LYS A 212 15.83 24.08 -8.69
N LYS A 213 17.10 24.51 -8.85
CA LYS A 213 17.49 25.33 -10.00
C LYS A 213 17.44 24.49 -11.27
N THR A 214 18.03 23.28 -11.22
CA THR A 214 17.98 22.30 -12.29
C THR A 214 17.65 20.97 -11.60
N PRO A 215 16.37 20.60 -11.48
CA PRO A 215 16.04 19.35 -10.77
C PRO A 215 16.41 18.07 -11.51
N MET A 216 16.77 17.07 -10.72
CA MET A 216 17.01 15.70 -11.15
C MET A 216 16.30 14.88 -10.10
N GLY A 217 15.59 13.84 -10.52
CA GLY A 217 14.90 12.95 -9.60
C GLY A 217 15.04 11.49 -9.97
N PHE A 218 14.81 10.61 -9.01
CA PHE A 218 14.84 9.18 -9.28
C PHE A 218 14.05 8.40 -8.25
N SER A 219 13.52 7.28 -8.68
CA SER A 219 12.90 6.32 -7.78
C SER A 219 14.02 5.31 -7.53
N TYR A 220 14.07 4.73 -6.32
CA TYR A 220 15.05 3.69 -6.04
C TYR A 220 14.31 2.38 -5.70
N ASP A 221 14.51 1.35 -6.53
CA ASP A 221 13.84 0.07 -6.37
C ASP A 221 14.78 -0.89 -5.67
N THR A 222 14.53 -1.19 -4.39
CA THR A 222 15.37 -2.18 -3.68
C THR A 222 14.90 -3.59 -4.11
N ARG A 223 15.84 -4.50 -4.39
CA ARG A 223 15.52 -5.88 -4.76
C ARG A 223 15.01 -6.62 -3.48
N CYS A 224 13.71 -7.05 -3.44
CA CYS A 224 13.09 -7.81 -2.33
C CYS A 224 13.44 -7.14 -1.00
N PHE A 225 12.99 -5.88 -0.81
CA PHE A 225 13.33 -5.10 0.38
C PHE A 225 13.25 -5.88 1.69
N ASP A 226 12.16 -6.62 1.92
CA ASP A 226 11.97 -7.39 3.15
C ASP A 226 13.13 -8.32 3.45
N SER A 227 13.63 -9.00 2.42
CA SER A 227 14.76 -9.93 2.56
C SER A 227 16.08 -9.23 2.82
N THR A 228 16.23 -7.96 2.37
CA THR A 228 17.44 -7.18 2.58
C THR A 228 17.51 -6.68 4.04
N VAL A 229 16.35 -6.65 4.75
CA VAL A 229 16.31 -6.20 6.15
C VAL A 229 17.05 -7.23 7.03
N THR A 230 18.12 -6.81 7.68
CA THR A 230 18.95 -7.69 8.52
C THR A 230 18.46 -7.77 9.96
N GLU A 231 19.01 -8.73 10.73
CA GLU A 231 18.70 -8.89 12.15
C GLU A 231 19.12 -7.59 12.89
N SER A 232 20.30 -7.02 12.54
CA SER A 232 20.77 -5.77 13.12
C SER A 232 19.86 -4.59 12.73
N ASP A 233 19.31 -4.57 11.50
CA ASP A 233 18.31 -3.52 11.13
C ASP A 233 17.09 -3.58 12.07
N ILE A 234 16.60 -4.82 12.32
CA ILE A 234 15.42 -5.09 13.15
C ILE A 234 15.69 -4.74 14.61
N ARG A 235 16.90 -5.06 15.11
CA ARG A 235 17.31 -4.72 16.47
C ARG A 235 17.46 -3.20 16.59
N THR A 236 17.94 -2.50 15.52
CA THR A 236 18.00 -1.03 15.61
C THR A 236 16.64 -0.37 15.61
N GLU A 237 15.64 -0.96 14.91
CA GLU A 237 14.26 -0.44 14.93
C GLU A 237 13.76 -0.52 16.37
N GLU A 238 14.06 -1.64 17.06
CA GLU A 238 13.67 -1.83 18.46
C GLU A 238 14.32 -0.77 19.35
N ALA A 239 15.62 -0.46 19.09
CA ALA A 239 16.36 0.55 19.87
C ALA A 239 15.76 1.94 19.66
N ILE A 240 15.27 2.22 18.45
CA ILE A 240 14.57 3.48 18.10
C ILE A 240 13.21 3.55 18.84
N TYR A 241 12.44 2.43 18.83
CA TYR A 241 11.16 2.34 19.54
C TYR A 241 11.34 2.69 21.02
N GLN A 242 12.39 2.12 21.66
CA GLN A 242 12.71 2.31 23.08
C GLN A 242 13.08 3.77 23.45
N CYS A 243 13.47 4.63 22.46
CA CYS A 243 13.79 6.06 22.68
C CYS A 243 12.53 6.83 23.08
N CYS A 244 11.35 6.32 22.74
CA CYS A 244 10.07 6.93 23.06
C CYS A 244 9.84 6.85 24.57
N ASP A 245 8.96 7.71 25.07
CA ASP A 245 8.45 7.61 26.44
C ASP A 245 7.33 6.56 26.30
N LEU A 246 7.56 5.38 26.89
CA LEU A 246 6.67 4.22 26.79
C LEU A 246 6.22 3.71 28.15
N ASP A 247 5.12 2.93 28.18
CA ASP A 247 4.64 2.32 29.43
C ASP A 247 5.60 1.18 29.76
N PRO A 248 5.89 0.90 31.06
CA PRO A 248 6.77 -0.23 31.39
C PRO A 248 6.42 -1.57 30.70
N GLN A 249 5.12 -1.94 30.60
CA GLN A 249 4.73 -3.22 29.96
C GLN A 249 4.98 -3.21 28.44
N ALA A 250 4.80 -2.04 27.76
CA ALA A 250 5.04 -1.93 26.33
C ALA A 250 6.53 -2.15 26.05
N ARG A 251 7.44 -1.60 26.89
CA ARG A 251 8.90 -1.79 26.73
C ARG A 251 9.26 -3.28 26.74
N VAL A 252 8.65 -4.06 27.67
CA VAL A 252 8.89 -5.51 27.78
C VAL A 252 8.35 -6.23 26.52
N ALA A 253 7.07 -6.00 26.18
CA ALA A 253 6.42 -6.65 25.03
C ALA A 253 7.15 -6.32 23.72
N ILE A 254 7.65 -5.07 23.57
CA ILE A 254 8.39 -4.64 22.38
C ILE A 254 9.70 -5.44 22.26
N LYS A 255 10.41 -5.62 23.39
CA LYS A 255 11.64 -6.41 23.40
C LYS A 255 11.32 -7.87 23.03
N SER A 256 10.31 -8.48 23.70
CA SER A 256 9.90 -9.87 23.42
C SER A 256 9.48 -10.05 21.96
N LEU A 257 8.66 -9.11 21.43
CA LEU A 257 8.20 -9.21 20.04
C LEU A 257 9.37 -9.15 19.08
N THR A 258 10.35 -8.25 19.35
CA THR A 258 11.55 -8.14 18.51
C THR A 258 12.35 -9.43 18.52
N GLU A 259 12.68 -9.94 19.72
CA GLU A 259 13.50 -11.15 19.85
C GLU A 259 12.80 -12.46 19.50
N ARG A 260 11.49 -12.55 19.73
CA ARG A 260 10.82 -13.81 19.44
C ARG A 260 10.14 -13.85 18.06
N LEU A 261 10.00 -12.69 17.40
CA LEU A 261 9.25 -12.65 16.16
C LEU A 261 9.85 -11.77 15.10
N TYR A 262 10.06 -10.48 15.40
CA TYR A 262 10.56 -9.55 14.38
C TYR A 262 11.92 -9.93 13.76
N VAL A 263 12.92 -10.33 14.57
CA VAL A 263 14.26 -10.68 14.05
C VAL A 263 14.30 -11.93 13.17
N GLY A 264 13.32 -12.81 13.37
CA GLY A 264 13.26 -14.08 12.67
C GLY A 264 12.56 -15.17 13.45
N GLY A 265 12.58 -16.37 12.90
CA GLY A 265 11.92 -17.50 13.56
C GLY A 265 11.46 -18.56 12.59
N PRO A 266 10.89 -19.64 13.13
CA PRO A 266 10.47 -20.76 12.26
C PRO A 266 9.26 -20.45 11.38
N LEU A 267 9.22 -21.09 10.21
CA LEU A 267 8.15 -20.95 9.23
C LEU A 267 7.40 -22.28 9.13
N THR A 268 6.06 -22.22 9.22
CA THR A 268 5.20 -23.41 9.13
C THR A 268 4.20 -23.21 7.98
N ASN A 269 4.00 -24.23 7.14
CA ASN A 269 2.99 -24.10 6.08
C ASN A 269 1.59 -24.33 6.67
N SER A 270 0.52 -24.20 5.85
CA SER A 270 -0.87 -24.38 6.30
C SER A 270 -1.16 -25.83 6.82
N ARG A 271 -0.34 -26.81 6.41
CA ARG A 271 -0.52 -28.19 6.82
C ARG A 271 0.30 -28.52 8.11
N GLY A 272 0.84 -27.49 8.76
CA GLY A 272 1.61 -27.65 9.98
C GLY A 272 3.01 -28.22 9.82
N GLU A 273 3.55 -28.26 8.59
CA GLU A 273 4.91 -28.79 8.37
C GLU A 273 5.94 -27.67 8.47
N ASN A 274 7.14 -28.00 8.98
CA ASN A 274 8.27 -27.08 9.07
C ASN A 274 8.82 -26.75 7.66
N CYS A 275 8.66 -25.48 7.25
CA CYS A 275 9.08 -24.94 5.95
C CYS A 275 10.48 -24.40 5.91
N GLY A 276 10.96 -23.97 7.06
CA GLY A 276 12.29 -23.38 7.14
C GLY A 276 12.41 -22.33 8.21
N TYR A 277 13.32 -21.38 7.99
CA TYR A 277 13.65 -20.36 8.96
C TYR A 277 13.88 -19.01 8.30
N ARG A 278 13.41 -17.95 8.96
CA ARG A 278 13.50 -16.56 8.48
C ARG A 278 14.50 -15.75 9.32
N ARG A 279 15.32 -14.92 8.68
CA ARG A 279 16.31 -14.07 9.36
C ARG A 279 16.19 -12.67 8.77
N CYS A 280 14.96 -12.31 8.38
CA CYS A 280 14.69 -11.01 7.75
C CYS A 280 13.30 -10.52 8.15
N ARG A 281 12.83 -9.42 7.51
CA ARG A 281 11.52 -8.84 7.79
C ARG A 281 10.37 -9.81 7.48
N ALA A 282 9.44 -9.98 8.43
CA ALA A 282 8.24 -10.79 8.16
C ALA A 282 7.30 -9.81 7.44
N SER A 283 6.70 -10.26 6.34
CA SER A 283 5.77 -9.46 5.52
C SER A 283 4.46 -9.12 6.23
N GLY A 284 4.02 -9.98 7.15
CA GLY A 284 2.73 -9.80 7.81
C GLY A 284 2.75 -9.41 9.26
N VAL A 285 3.69 -8.54 9.67
CA VAL A 285 3.71 -8.08 11.07
C VAL A 285 3.28 -6.61 11.15
N LEU A 286 2.88 -6.11 12.33
CA LEU A 286 2.43 -4.72 12.47
C LEU A 286 3.54 -3.69 12.07
N THR A 287 4.79 -3.99 12.41
CA THR A 287 5.95 -3.13 12.16
C THR A 287 6.49 -3.20 10.72
N THR A 288 5.91 -4.04 9.83
CA THR A 288 6.42 -4.12 8.46
C THR A 288 6.51 -2.75 7.78
N SER A 289 5.39 -2.03 7.70
CA SER A 289 5.32 -0.73 7.01
C SER A 289 6.14 0.35 7.71
N CYS A 290 6.00 0.49 9.03
CA CYS A 290 6.74 1.44 9.84
C CYS A 290 8.25 1.16 9.80
N GLY A 291 8.62 -0.09 10.05
CA GLY A 291 10.01 -0.53 10.07
C GLY A 291 10.67 -0.31 8.72
N ASN A 292 9.98 -0.66 7.63
CA ASN A 292 10.50 -0.46 6.27
C ASN A 292 10.69 1.02 5.97
N THR A 293 9.74 1.86 6.39
CA THR A 293 9.77 3.32 6.23
C THR A 293 10.99 3.91 6.93
N LEU A 294 11.18 3.56 8.21
CA LEU A 294 12.31 4.02 9.01
C LEU A 294 13.65 3.55 8.44
N THR A 295 13.78 2.26 8.16
CA THR A 295 15.02 1.65 7.66
C THR A 295 15.40 2.19 6.27
N CYS A 296 14.40 2.35 5.40
CA CYS A 296 14.61 2.91 4.06
C CYS A 296 15.06 4.36 4.17
N TYR A 297 14.40 5.15 5.04
CA TYR A 297 14.77 6.55 5.23
C TYR A 297 16.21 6.69 5.76
N ILE A 298 16.60 5.87 6.75
CA ILE A 298 17.94 5.90 7.34
C ILE A 298 19.00 5.61 6.27
N LYS A 299 18.86 4.47 5.58
CA LYS A 299 19.79 4.06 4.53
C LYS A 299 19.85 5.06 3.38
N ALA A 300 18.70 5.59 2.91
CA ALA A 300 18.63 6.54 1.80
C ALA A 300 19.24 7.88 2.16
N ARG A 301 18.93 8.40 3.36
CA ARG A 301 19.49 9.68 3.80
C ARG A 301 21.01 9.57 3.90
N ALA A 302 21.52 8.46 4.45
CA ALA A 302 22.97 8.24 4.56
C ALA A 302 23.60 8.06 3.18
N ALA A 303 22.91 7.36 2.27
CA ALA A 303 23.42 7.09 0.91
C ALA A 303 23.50 8.39 0.07
N CYS A 304 22.51 9.29 0.24
CA CYS A 304 22.48 10.62 -0.39
C CYS A 304 23.76 11.38 0.02
N ARG A 305 24.10 11.36 1.32
CA ARG A 305 25.31 12.01 1.82
C ARG A 305 26.59 11.32 1.34
N ALA A 306 26.64 9.98 1.40
CA ALA A 306 27.79 9.23 0.93
C ALA A 306 28.05 9.56 -0.56
N ALA A 307 27.00 9.73 -1.37
CA ALA A 307 27.17 10.07 -2.79
C ALA A 307 27.42 11.59 -3.00
N GLY A 308 27.18 12.40 -1.98
CA GLY A 308 27.35 13.85 -2.08
C GLY A 308 26.25 14.53 -2.89
N LEU A 309 25.06 13.87 -3.02
CA LEU A 309 23.93 14.43 -3.76
C LEU A 309 23.54 15.76 -3.12
N GLN A 310 23.40 16.78 -3.95
CA GLN A 310 23.15 18.13 -3.46
C GLN A 310 21.68 18.45 -3.29
N ASP A 311 21.33 19.04 -2.13
CA ASP A 311 19.99 19.52 -1.77
C ASP A 311 18.87 18.50 -2.02
N CYS A 312 18.99 17.31 -1.42
CA CYS A 312 18.00 16.23 -1.56
C CYS A 312 16.72 16.49 -0.84
N THR A 313 15.60 16.14 -1.50
CA THR A 313 14.25 16.10 -0.93
C THR A 313 13.85 14.64 -1.16
N MET A 314 13.50 13.92 -0.09
CA MET A 314 13.11 12.51 -0.18
C MET A 314 11.66 12.34 0.21
N LEU A 315 11.00 11.36 -0.40
CA LEU A 315 9.63 10.96 -0.04
C LEU A 315 9.64 9.44 0.14
N VAL A 316 9.35 8.97 1.35
CA VAL A 316 9.46 7.54 1.66
C VAL A 316 8.12 6.94 2.08
N CYS A 317 7.72 5.79 1.48
CA CYS A 317 6.50 5.02 1.79
C CYS A 317 6.90 3.59 1.89
N GLY A 318 7.18 3.09 3.09
CA GLY A 318 7.66 1.72 3.23
C GLY A 318 9.00 1.60 2.53
N ASP A 319 9.10 0.65 1.62
CA ASP A 319 10.31 0.43 0.81
C ASP A 319 10.31 1.35 -0.43
N ASP A 320 9.23 2.11 -0.67
CA ASP A 320 9.19 3.01 -1.82
C ASP A 320 9.94 4.31 -1.53
N LEU A 321 10.93 4.62 -2.37
CA LEU A 321 11.74 5.82 -2.18
C LEU A 321 11.81 6.65 -3.44
N VAL A 322 11.69 7.95 -3.28
CA VAL A 322 11.86 8.89 -4.38
C VAL A 322 12.74 10.05 -3.88
N VAL A 323 13.74 10.38 -4.68
CA VAL A 323 14.67 11.46 -4.34
C VAL A 323 14.65 12.50 -5.45
N ILE A 324 14.51 13.78 -5.07
CA ILE A 324 14.58 14.95 -5.95
C ILE A 324 15.76 15.81 -5.46
N CYS A 325 16.75 16.04 -6.32
CA CYS A 325 17.93 16.80 -5.91
C CYS A 325 18.30 17.88 -6.94
N GLU A 326 19.43 18.53 -6.68
CA GLU A 326 19.97 19.57 -7.53
C GLU A 326 20.93 18.88 -8.50
N SER A 327 20.60 18.90 -9.80
CA SER A 327 21.44 18.26 -10.82
C SER A 327 22.83 18.91 -10.88
N ALA A 328 23.85 18.11 -11.24
CA ALA A 328 25.23 18.57 -11.44
C ALA A 328 25.70 18.27 -12.87
N GLY A 329 24.75 18.14 -13.79
CA GLY A 329 25.00 17.79 -15.19
C GLY A 329 24.74 16.31 -15.38
N VAL A 330 24.46 15.86 -16.62
CA VAL A 330 24.10 14.46 -16.86
C VAL A 330 25.21 13.44 -16.53
N GLN A 331 26.50 13.72 -16.86
CA GLN A 331 27.60 12.78 -16.56
C GLN A 331 27.82 12.64 -15.06
N GLU A 332 27.79 13.76 -14.32
CA GLU A 332 27.97 13.74 -12.87
C GLU A 332 26.79 13.08 -12.14
N ASP A 333 25.55 13.37 -12.60
CA ASP A 333 24.35 12.74 -12.02
C ASP A 333 24.37 11.22 -12.18
N ALA A 334 24.79 10.71 -13.35
CA ALA A 334 24.87 9.27 -13.60
C ALA A 334 25.93 8.62 -12.66
N ALA A 335 27.08 9.30 -12.46
CA ALA A 335 28.16 8.83 -11.56
C ALA A 335 27.73 8.94 -10.09
N SER A 336 27.02 10.03 -9.73
CA SER A 336 26.58 10.19 -8.35
C SER A 336 25.44 9.23 -7.98
N LEU A 337 24.64 8.78 -9.00
CA LEU A 337 23.60 7.76 -8.78
C LEU A 337 24.22 6.39 -8.60
N ARG A 338 25.33 6.10 -9.30
CA ARG A 338 26.03 4.82 -9.10
C ARG A 338 26.63 4.79 -7.70
N ALA A 339 27.19 5.95 -7.21
CA ALA A 339 27.75 6.04 -5.85
C ALA A 339 26.62 5.89 -4.82
N PHE A 340 25.43 6.49 -5.06
CA PHE A 340 24.26 6.33 -4.18
C PHE A 340 23.90 4.83 -4.07
N THR A 341 23.84 4.14 -5.22
CA THR A 341 23.52 2.70 -5.32
C THR A 341 24.56 1.85 -4.57
N GLU A 342 25.85 2.17 -4.75
CA GLU A 342 26.93 1.47 -4.05
C GLU A 342 26.79 1.60 -2.53
N ALA A 343 26.39 2.81 -2.04
CA ALA A 343 26.23 3.03 -0.60
C ALA A 343 25.01 2.25 -0.07
N MET A 344 23.88 2.28 -0.80
CA MET A 344 22.65 1.54 -0.44
C MET A 344 22.95 0.03 -0.38
N THR A 345 23.72 -0.48 -1.38
CA THR A 345 24.17 -1.89 -1.48
C THR A 345 24.97 -2.26 -0.25
N ARG A 346 25.95 -1.41 0.14
CA ARG A 346 26.74 -1.61 1.36
C ARG A 346 25.87 -1.64 2.60
N TYR A 347 24.76 -0.84 2.62
CA TYR A 347 23.85 -0.82 3.79
C TYR A 347 22.85 -1.97 3.76
N SER A 348 22.98 -2.93 2.79
CA SER A 348 22.09 -4.08 2.60
C SER A 348 20.75 -3.61 2.07
N ALA A 349 20.78 -2.90 0.94
CA ALA A 349 19.61 -2.45 0.18
C ALA A 349 20.02 -2.40 -1.31
N PRO A 350 20.46 -3.56 -1.87
CA PRO A 350 20.90 -3.57 -3.29
C PRO A 350 19.75 -3.31 -4.26
N PRO A 351 20.01 -2.75 -5.46
CA PRO A 351 18.91 -2.42 -6.38
C PRO A 351 18.32 -3.61 -7.12
N GLY A 352 17.04 -3.48 -7.50
CA GLY A 352 16.34 -4.42 -8.38
C GLY A 352 16.68 -3.92 -9.76
N ASP A 353 15.99 -2.92 -10.22
CA ASP A 353 16.33 -2.24 -11.48
C ASP A 353 17.28 -1.09 -11.09
N PRO A 354 18.45 -0.90 -11.76
CA PRO A 354 19.35 0.19 -11.35
C PRO A 354 18.62 1.53 -11.48
N PRO A 355 18.78 2.47 -10.56
CA PRO A 355 18.05 3.74 -10.72
C PRO A 355 18.48 4.53 -11.96
N GLN A 356 17.57 5.34 -12.49
CA GLN A 356 17.83 6.15 -13.66
C GLN A 356 17.56 7.61 -13.31
N PRO A 357 18.52 8.55 -13.57
CA PRO A 357 18.23 9.96 -13.32
C PRO A 357 17.14 10.47 -14.27
N GLU A 358 16.15 11.20 -13.75
CA GLU A 358 15.09 11.74 -14.60
C GLU A 358 15.13 13.26 -14.51
N TYR A 359 14.90 13.96 -15.64
CA TYR A 359 14.92 15.43 -15.74
C TYR A 359 13.53 15.99 -16.04
N ASP A 360 12.53 15.11 -15.97
CA ASP A 360 11.12 15.43 -16.20
C ASP A 360 10.39 14.67 -15.08
N LEU A 361 9.68 15.39 -14.21
CA LEU A 361 8.93 14.87 -13.07
C LEU A 361 7.94 13.78 -13.47
N GLU A 362 7.26 13.97 -14.62
CA GLU A 362 6.31 13.01 -15.17
C GLU A 362 6.90 11.64 -15.47
N LEU A 363 8.21 11.56 -15.73
CA LEU A 363 8.90 10.31 -16.06
C LEU A 363 9.35 9.52 -14.82
N ILE A 364 9.02 10.01 -13.64
CA ILE A 364 9.35 9.29 -12.42
C ILE A 364 8.13 8.48 -12.05
N THR A 365 8.33 7.18 -11.80
CA THR A 365 7.30 6.29 -11.25
C THR A 365 7.67 5.97 -9.80
N SER A 366 6.79 6.30 -8.89
CA SER A 366 6.97 6.07 -7.45
C SER A 366 5.60 5.79 -6.86
N CYS A 367 5.51 4.80 -5.93
CA CYS A 367 4.26 4.28 -5.39
C CYS A 367 3.36 3.89 -6.57
N SER A 368 4.00 3.24 -7.58
CA SER A 368 3.41 2.74 -8.81
C SER A 368 2.64 3.83 -9.55
N SER A 369 2.99 5.11 -9.32
CA SER A 369 2.29 6.21 -9.94
C SER A 369 3.23 7.29 -10.47
N ASN A 370 2.68 8.19 -11.30
CA ASN A 370 3.39 9.34 -11.84
C ASN A 370 2.51 10.56 -11.82
N VAL A 371 3.17 11.71 -11.83
CA VAL A 371 2.56 13.02 -11.93
C VAL A 371 2.10 13.20 -13.41
N SER A 372 0.93 13.81 -13.60
CA SER A 372 0.43 14.13 -14.92
C SER A 372 -0.38 15.43 -14.79
N VAL A 373 -0.72 16.07 -15.90
CA VAL A 373 -1.45 17.33 -15.86
C VAL A 373 -2.77 17.28 -16.61
N ALA A 374 -3.77 17.96 -16.06
CA ALA A 374 -5.08 18.13 -16.66
C ALA A 374 -5.52 19.57 -16.35
N HIS A 375 -6.72 19.93 -16.78
CA HIS A 375 -7.25 21.26 -16.52
C HIS A 375 -8.63 21.15 -15.89
N ASP A 376 -8.96 22.09 -14.98
CA ASP A 376 -10.29 22.12 -14.35
C ASP A 376 -11.29 22.85 -15.28
N GLY A 377 -12.52 23.04 -14.79
CA GLY A 377 -13.61 23.71 -15.51
C GLY A 377 -13.30 25.14 -15.94
N ALA A 378 -12.41 25.84 -15.19
CA ALA A 378 -11.96 27.20 -15.51
C ALA A 378 -10.71 27.22 -16.40
N GLY A 379 -10.27 26.04 -16.86
CA GLY A 379 -9.09 25.90 -17.69
C GLY A 379 -7.77 25.98 -16.93
N LYS A 380 -7.83 26.07 -15.59
CA LYS A 380 -6.63 26.14 -14.74
C LYS A 380 -5.91 24.78 -14.70
N ARG A 381 -4.57 24.81 -14.82
CA ARG A 381 -3.68 23.65 -14.76
C ARG A 381 -3.80 22.94 -13.40
N VAL A 382 -3.95 21.61 -13.43
CA VAL A 382 -4.08 20.78 -12.24
C VAL A 382 -3.13 19.58 -12.36
N TYR A 383 -2.21 19.45 -11.40
CA TYR A 383 -1.32 18.29 -11.29
C TYR A 383 -2.09 17.21 -10.52
N TYR A 384 -2.00 15.96 -10.94
CA TYR A 384 -2.66 14.85 -10.23
C TYR A 384 -1.80 13.60 -10.41
N LEU A 385 -2.10 12.56 -9.64
CA LEU A 385 -1.41 11.27 -9.69
C LEU A 385 -2.24 10.27 -10.47
N THR A 386 -1.57 9.50 -11.31
CA THR A 386 -2.17 8.50 -12.19
C THR A 386 -1.23 7.32 -12.29
N ARG A 387 -1.64 6.28 -13.01
CA ARG A 387 -0.82 5.10 -13.24
C ARG A 387 -1.36 4.36 -14.44
N ASP A 388 -0.59 3.38 -14.91
CA ASP A 388 -1.02 2.47 -15.94
C ASP A 388 -2.26 1.73 -15.34
N PRO A 389 -3.42 1.71 -16.06
CA PRO A 389 -4.62 1.08 -15.46
C PRO A 389 -4.73 -0.43 -15.64
N THR A 390 -3.73 -1.08 -16.26
CA THR A 390 -3.73 -2.54 -16.49
C THR A 390 -4.11 -3.36 -15.24
N THR A 391 -3.32 -3.23 -14.15
CA THR A 391 -3.54 -4.00 -12.91
C THR A 391 -4.90 -3.63 -12.30
N PRO A 392 -5.22 -2.32 -12.08
CA PRO A 392 -6.56 -1.99 -11.57
C PRO A 392 -7.71 -2.55 -12.41
N LEU A 393 -7.59 -2.56 -13.76
CA LEU A 393 -8.65 -3.08 -14.63
C LEU A 393 -8.80 -4.61 -14.55
N ALA A 394 -7.68 -5.33 -14.54
CA ALA A 394 -7.66 -6.80 -14.42
C ALA A 394 -8.32 -7.21 -13.09
N ARG A 395 -7.94 -6.54 -11.99
CA ARG A 395 -8.51 -6.79 -10.67
C ARG A 395 -9.99 -6.44 -10.63
N ALA A 396 -10.37 -5.29 -11.22
CA ALA A 396 -11.78 -4.89 -11.30
C ALA A 396 -12.63 -5.97 -12.02
N ALA A 397 -12.11 -6.55 -13.11
CA ALA A 397 -12.82 -7.62 -13.86
C ALA A 397 -13.01 -8.87 -12.95
N TRP A 398 -11.93 -9.33 -12.26
CA TRP A 398 -11.96 -10.44 -11.31
C TRP A 398 -13.02 -10.19 -10.21
N GLU A 399 -13.02 -8.97 -9.67
CA GLU A 399 -13.94 -8.55 -8.59
C GLU A 399 -15.40 -8.44 -9.02
N THR A 400 -15.66 -8.32 -10.33
CA THR A 400 -17.05 -8.36 -10.81
C THR A 400 -17.52 -9.79 -11.02
N ALA A 401 -16.61 -10.69 -11.44
CA ALA A 401 -16.93 -12.11 -11.64
C ALA A 401 -17.03 -12.86 -10.29
N ARG A 402 -16.18 -12.50 -9.31
CA ARG A 402 -16.13 -13.16 -8.00
C ARG A 402 -16.27 -12.17 -6.86
N HIS A 403 -17.08 -12.52 -5.86
CA HIS A 403 -17.22 -11.70 -4.67
C HIS A 403 -15.92 -11.85 -3.87
N THR A 404 -15.23 -10.73 -3.63
CA THR A 404 -13.96 -10.74 -2.91
C THR A 404 -14.20 -10.02 -1.58
N PRO A 405 -13.59 -10.48 -0.45
CA PRO A 405 -13.80 -9.79 0.84
C PRO A 405 -13.37 -8.30 0.81
N VAL A 406 -12.22 -8.02 0.17
CA VAL A 406 -11.61 -6.69 -0.02
C VAL A 406 -11.70 -6.33 -1.51
N ASN A 407 -12.17 -5.14 -1.82
CA ASN A 407 -12.35 -4.68 -3.21
C ASN A 407 -11.28 -3.65 -3.64
N SER A 408 -10.28 -4.05 -4.47
CA SER A 408 -9.28 -3.08 -4.97
C SER A 408 -9.93 -1.98 -5.83
N TRP A 409 -11.05 -2.31 -6.52
CA TRP A 409 -11.74 -1.33 -7.36
C TRP A 409 -12.16 -0.07 -6.61
N LEU A 410 -12.66 -0.25 -5.36
CA LEU A 410 -13.11 0.84 -4.51
C LEU A 410 -11.95 1.72 -4.05
N GLY A 411 -10.87 1.09 -3.59
CA GLY A 411 -9.64 1.80 -3.21
C GLY A 411 -9.04 2.57 -4.38
N ASN A 412 -9.08 1.96 -5.61
CA ASN A 412 -8.59 2.59 -6.85
C ASN A 412 -9.44 3.79 -7.27
N ILE A 413 -10.78 3.67 -7.17
CA ILE A 413 -11.68 4.81 -7.44
C ILE A 413 -11.37 5.93 -6.45
N ILE A 414 -11.11 5.58 -5.19
CA ILE A 414 -10.79 6.60 -4.16
C ILE A 414 -9.45 7.29 -4.39
N MET A 415 -8.39 6.49 -4.58
CA MET A 415 -7.04 7.06 -4.74
C MET A 415 -6.83 7.74 -6.11
N PHE A 416 -7.46 7.17 -7.15
CA PHE A 416 -7.31 7.62 -8.54
C PHE A 416 -8.57 8.28 -9.11
N ALA A 417 -9.40 8.84 -8.21
CA ALA A 417 -10.63 9.56 -8.54
C ALA A 417 -10.44 10.64 -9.63
N PRO A 418 -9.35 11.46 -9.66
CA PRO A 418 -9.23 12.48 -10.72
C PRO A 418 -8.83 11.93 -12.10
N THR A 419 -8.41 10.66 -12.18
CA THR A 419 -7.93 10.08 -13.44
C THR A 419 -9.00 9.86 -14.50
N LEU A 420 -8.60 9.91 -15.78
CA LEU A 420 -9.48 9.67 -16.91
C LEU A 420 -10.05 8.21 -16.85
N TRP A 421 -9.19 7.23 -16.56
CA TRP A 421 -9.58 5.82 -16.48
C TRP A 421 -10.48 5.49 -15.27
N ALA A 422 -10.20 6.01 -14.08
CA ALA A 422 -11.09 5.71 -12.95
C ALA A 422 -12.48 6.30 -13.13
N ARG A 423 -12.58 7.49 -13.75
CA ARG A 423 -13.86 8.17 -13.96
C ARG A 423 -14.67 7.55 -15.09
N MET A 424 -14.04 7.42 -16.26
CA MET A 424 -14.76 6.93 -17.42
C MET A 424 -15.03 5.45 -17.39
N ILE A 425 -14.09 4.67 -16.82
CA ILE A 425 -14.27 3.22 -16.83
C ILE A 425 -14.72 2.67 -15.49
N LEU A 426 -13.88 2.82 -14.44
CA LEU A 426 -14.20 2.26 -13.11
C LEU A 426 -15.49 2.75 -12.55
N MET A 427 -15.71 4.07 -12.55
CA MET A 427 -16.97 4.62 -12.01
C MET A 427 -18.18 4.14 -12.76
N THR A 428 -18.14 4.23 -14.10
CA THR A 428 -19.24 3.82 -14.98
C THR A 428 -19.56 2.37 -14.78
N HIS A 429 -18.52 1.52 -14.83
CA HIS A 429 -18.70 0.09 -14.70
C HIS A 429 -19.31 -0.31 -13.37
N PHE A 430 -18.69 0.14 -12.26
CA PHE A 430 -19.17 -0.25 -10.92
C PHE A 430 -20.50 0.28 -10.55
N PHE A 431 -20.85 1.49 -10.98
CA PHE A 431 -22.18 2.00 -10.72
C PHE A 431 -23.23 1.25 -11.54
N SER A 432 -22.91 0.80 -12.79
CA SER A 432 -23.87 -0.03 -13.53
C SER A 432 -24.03 -1.43 -12.88
N VAL A 433 -22.93 -2.01 -12.35
CA VAL A 433 -22.95 -3.31 -11.69
C VAL A 433 -23.78 -3.16 -10.37
N LEU A 434 -23.56 -2.05 -9.62
CA LEU A 434 -24.27 -1.81 -8.35
C LEU A 434 -25.76 -1.57 -8.58
N ILE A 435 -26.11 -0.96 -9.73
CA ILE A 435 -27.49 -0.75 -10.16
C ILE A 435 -28.12 -2.12 -10.50
N ALA A 436 -27.45 -2.93 -11.34
CA ALA A 436 -27.90 -4.24 -11.79
C ALA A 436 -28.15 -5.22 -10.63
N ARG A 437 -27.27 -5.18 -9.61
CA ARG A 437 -27.34 -6.05 -8.44
C ARG A 437 -28.10 -5.44 -7.26
N ASP A 438 -28.58 -4.18 -7.37
CA ASP A 438 -29.27 -3.47 -6.27
C ASP A 438 -28.41 -3.47 -4.96
N GLN A 439 -27.14 -2.99 -5.09
CA GLN A 439 -26.20 -2.97 -3.98
C GLN A 439 -25.58 -1.58 -3.74
N LEU A 440 -26.24 -0.51 -4.18
CA LEU A 440 -25.71 0.85 -4.03
C LEU A 440 -25.46 1.25 -2.60
N GLU A 441 -26.33 0.80 -1.68
CA GLU A 441 -26.29 1.13 -0.25
C GLU A 441 -25.45 0.16 0.62
N GLN A 442 -24.98 -0.96 0.05
CA GLN A 442 -24.19 -1.94 0.81
C GLN A 442 -22.74 -1.45 1.04
N ALA A 443 -22.34 -1.33 2.31
CA ALA A 443 -20.99 -0.92 2.68
C ALA A 443 -19.96 -1.96 2.19
N LEU A 444 -18.85 -1.49 1.62
CA LEU A 444 -17.80 -2.40 1.12
C LEU A 444 -16.47 -2.17 1.77
N ASN A 445 -15.69 -3.26 1.89
CA ASN A 445 -14.35 -3.18 2.48
C ASN A 445 -13.31 -2.94 1.39
N CYS A 446 -12.37 -2.05 1.68
CA CYS A 446 -11.24 -1.81 0.81
C CYS A 446 -10.01 -1.52 1.68
N GLU A 447 -8.82 -1.69 1.11
CA GLU A 447 -7.57 -1.48 1.83
C GLU A 447 -6.64 -0.58 1.04
N ILE A 448 -6.07 0.44 1.70
CA ILE A 448 -5.15 1.38 1.05
C ILE A 448 -3.87 1.36 1.84
N TYR A 449 -2.86 0.64 1.32
CA TYR A 449 -1.56 0.48 2.00
C TYR A 449 -1.72 0.00 3.48
N GLY A 450 -2.55 -1.00 3.69
CA GLY A 450 -2.77 -1.55 5.02
C GLY A 450 -3.89 -0.92 5.83
N ALA A 451 -4.24 0.36 5.53
CA ALA A 451 -5.35 1.05 6.21
C ALA A 451 -6.66 0.51 5.61
N CYS A 452 -7.53 -0.07 6.45
CA CYS A 452 -8.81 -0.67 5.98
C CYS A 452 -9.96 0.28 6.18
N TYR A 453 -10.87 0.32 5.19
CA TYR A 453 -12.04 1.20 5.21
C TYR A 453 -13.32 0.44 4.89
N SER A 454 -14.45 0.90 5.46
CA SER A 454 -15.77 0.33 5.21
C SER A 454 -16.55 1.49 4.60
N ILE A 455 -16.83 1.42 3.30
CA ILE A 455 -17.45 2.53 2.58
C ILE A 455 -18.61 2.06 1.73
N GLU A 456 -19.73 2.82 1.81
CA GLU A 456 -20.91 2.64 0.96
C GLU A 456 -20.60 3.40 -0.34
N PRO A 457 -20.82 2.77 -1.52
CA PRO A 457 -20.57 3.48 -2.79
C PRO A 457 -21.30 4.81 -2.92
N LEU A 458 -22.45 4.97 -2.27
CA LEU A 458 -23.22 6.24 -2.29
C LEU A 458 -22.52 7.41 -1.58
N ASP A 459 -21.47 7.12 -0.80
CA ASP A 459 -20.70 8.13 -0.09
C ASP A 459 -19.44 8.56 -0.87
N LEU A 460 -19.21 7.94 -2.03
CA LEU A 460 -18.08 8.29 -2.90
C LEU A 460 -17.99 9.77 -3.26
N PRO A 461 -19.07 10.47 -3.71
CA PRO A 461 -18.91 11.91 -4.05
C PRO A 461 -18.41 12.81 -2.91
N PRO A 462 -18.99 12.81 -1.67
CA PRO A 462 -18.41 13.67 -0.61
C PRO A 462 -17.02 13.23 -0.18
N ILE A 463 -16.72 11.91 -0.24
CA ILE A 463 -15.39 11.37 0.10
C ILE A 463 -14.35 11.91 -0.88
N ILE A 464 -14.64 11.82 -2.19
CA ILE A 464 -13.76 12.30 -3.26
C ILE A 464 -13.57 13.81 -3.16
N GLN A 465 -14.65 14.57 -2.87
CA GLN A 465 -14.53 16.03 -2.73
C GLN A 465 -13.59 16.38 -1.58
N ARG A 466 -13.83 15.79 -0.40
CA ARG A 466 -12.97 16.05 0.74
C ARG A 466 -11.53 15.62 0.50
N LEU A 467 -11.29 14.45 -0.12
CA LEU A 467 -9.93 13.96 -0.37
C LEU A 467 -9.20 14.67 -1.52
N HIS A 468 -9.91 14.87 -2.66
CA HIS A 468 -9.25 15.45 -3.86
C HIS A 468 -9.62 16.88 -4.19
N GLY A 469 -10.76 17.37 -3.67
CA GLY A 469 -11.27 18.70 -3.97
C GLY A 469 -12.29 18.61 -5.10
N LEU A 470 -13.15 19.65 -5.25
CA LEU A 470 -14.19 19.71 -6.30
C LEU A 470 -13.66 19.58 -7.72
N SER A 471 -12.40 19.97 -7.97
CA SER A 471 -11.80 19.86 -9.31
C SER A 471 -11.79 18.42 -9.84
N ALA A 472 -11.84 17.40 -8.95
CA ALA A 472 -11.88 15.98 -9.32
C ALA A 472 -13.06 15.61 -10.22
N PHE A 473 -14.12 16.41 -10.18
CA PHE A 473 -15.35 16.21 -10.96
C PHE A 473 -15.39 17.05 -12.26
N SER A 474 -14.34 17.84 -12.54
CA SER A 474 -14.29 18.73 -13.71
C SER A 474 -13.01 18.62 -14.53
N LEU A 475 -12.07 17.71 -14.17
CA LEU A 475 -10.86 17.63 -15.00
C LEU A 475 -11.12 17.22 -16.40
N HIS A 476 -10.45 17.88 -17.34
CA HIS A 476 -10.52 17.58 -18.78
C HIS A 476 -9.16 17.95 -19.39
N SER A 477 -9.01 17.82 -20.72
CA SER A 477 -7.75 18.12 -21.42
C SER A 477 -6.59 17.34 -20.78
N TYR A 478 -6.76 16.02 -20.69
CA TYR A 478 -5.73 15.11 -20.20
C TYR A 478 -4.61 15.11 -21.23
N SER A 479 -3.43 14.65 -20.85
CA SER A 479 -2.29 14.69 -21.72
C SER A 479 -2.29 13.62 -22.79
N PRO A 480 -1.66 13.90 -23.96
CA PRO A 480 -1.56 12.85 -25.00
C PRO A 480 -0.96 11.52 -24.52
N GLY A 481 0.09 11.57 -23.68
CA GLY A 481 0.72 10.39 -23.11
C GLY A 481 -0.21 9.58 -22.23
N GLU A 482 -1.00 10.28 -21.40
CA GLU A 482 -1.97 9.67 -20.51
C GLU A 482 -3.11 9.00 -21.31
N ILE A 483 -3.69 9.75 -22.26
CA ILE A 483 -4.74 9.25 -23.16
C ILE A 483 -4.26 8.00 -23.87
N ASN A 484 -3.04 8.05 -24.46
CA ASN A 484 -2.45 6.91 -25.15
C ASN A 484 -2.18 5.73 -24.27
N ARG A 485 -1.72 5.96 -23.03
CA ARG A 485 -1.45 4.84 -22.13
C ARG A 485 -2.76 4.10 -21.80
N VAL A 486 -3.83 4.86 -21.50
CA VAL A 486 -5.15 4.28 -21.23
C VAL A 486 -5.66 3.56 -22.49
N ALA A 487 -5.64 4.24 -23.65
CA ALA A 487 -6.11 3.65 -24.91
C ALA A 487 -5.38 2.36 -25.30
N ALA A 488 -4.03 2.30 -25.11
CA ALA A 488 -3.27 1.09 -25.45
C ALA A 488 -3.67 -0.03 -24.50
N CYS A 489 -3.94 0.33 -23.23
CA CYS A 489 -4.36 -0.64 -22.23
C CYS A 489 -5.70 -1.29 -22.62
N LEU A 490 -6.67 -0.49 -23.08
CA LEU A 490 -8.00 -1.00 -23.46
C LEU A 490 -7.94 -1.99 -24.63
N ARG A 491 -7.11 -1.67 -25.65
CA ARG A 491 -6.93 -2.54 -26.82
C ARG A 491 -6.32 -3.89 -26.40
N LYS A 492 -5.30 -3.84 -25.53
CA LYS A 492 -4.64 -5.04 -25.02
C LYS A 492 -5.61 -5.94 -24.24
N LEU A 493 -6.34 -5.35 -23.28
CA LEU A 493 -7.25 -6.07 -22.39
C LEU A 493 -8.65 -6.44 -22.94
N GLY A 494 -9.03 -5.88 -24.09
CA GLY A 494 -10.35 -6.11 -24.64
C GLY A 494 -11.40 -5.33 -23.85
N VAL A 495 -11.04 -4.10 -23.47
CA VAL A 495 -11.92 -3.20 -22.72
C VAL A 495 -12.56 -2.27 -23.76
N PRO A 496 -13.88 -1.99 -23.69
CA PRO A 496 -14.46 -1.05 -24.68
C PRO A 496 -13.79 0.33 -24.71
N PRO A 497 -13.75 0.99 -25.89
CA PRO A 497 -13.11 2.32 -25.99
C PRO A 497 -13.83 3.37 -25.14
N LEU A 498 -13.11 4.47 -24.79
CA LEU A 498 -13.62 5.55 -23.93
C LEU A 498 -14.95 6.13 -24.40
N ARG A 499 -15.16 6.29 -25.72
CA ARG A 499 -16.42 6.81 -26.23
C ARG A 499 -17.61 5.87 -25.97
N ALA A 500 -17.36 4.55 -25.90
CA ALA A 500 -18.43 3.57 -25.58
C ALA A 500 -18.75 3.73 -24.09
N TRP A 501 -17.70 3.92 -23.24
CA TRP A 501 -17.90 4.15 -21.80
C TRP A 501 -18.71 5.44 -21.54
N ARG A 502 -18.49 6.49 -22.36
CA ARG A 502 -19.21 7.76 -22.25
C ARG A 502 -20.72 7.54 -22.45
N HIS A 503 -21.07 6.75 -23.47
CA HIS A 503 -22.46 6.43 -23.78
C HIS A 503 -23.06 5.60 -22.67
N ARG A 504 -22.31 4.62 -22.13
CA ARG A 504 -22.77 3.79 -21.02
C ARG A 504 -23.02 4.67 -19.77
N ALA A 505 -22.10 5.62 -19.49
CA ALA A 505 -22.15 6.56 -18.38
C ALA A 505 -23.39 7.45 -18.39
N ARG A 506 -23.84 7.90 -19.59
CA ARG A 506 -25.03 8.74 -19.72
C ARG A 506 -26.28 8.00 -19.23
N SER A 507 -26.37 6.67 -19.47
CA SER A 507 -27.47 5.81 -19.01
C SER A 507 -27.39 5.60 -17.49
N VAL A 508 -26.16 5.32 -16.99
CA VAL A 508 -25.88 5.12 -15.56
C VAL A 508 -26.28 6.41 -14.84
N ARG A 509 -25.78 7.57 -15.34
CA ARG A 509 -26.02 8.90 -14.81
C ARG A 509 -27.54 9.16 -14.66
N ALA A 510 -28.33 8.88 -15.73
CA ALA A 510 -29.79 9.09 -15.73
C ALA A 510 -30.48 8.25 -14.68
N ARG A 511 -30.06 6.95 -14.54
CA ARG A 511 -30.67 6.06 -13.56
C ARG A 511 -30.40 6.50 -12.13
N LEU A 512 -29.16 7.00 -11.87
CA LEU A 512 -28.77 7.52 -10.55
C LEU A 512 -29.55 8.80 -10.21
N LEU A 513 -29.66 9.76 -11.18
CA LEU A 513 -30.41 11.03 -10.99
C LEU A 513 -31.88 10.77 -10.63
N SER A 514 -32.50 9.76 -11.27
CA SER A 514 -33.90 9.39 -11.06
C SER A 514 -34.17 8.79 -9.69
N ARG A 515 -33.14 8.30 -9.00
CA ARG A 515 -33.30 7.72 -7.67
C ARG A 515 -33.34 8.78 -6.54
N GLY A 516 -32.90 10.00 -6.83
CA GLY A 516 -32.85 11.09 -5.84
C GLY A 516 -31.80 10.86 -4.78
N GLY A 517 -31.82 11.69 -3.75
CA GLY A 517 -30.91 11.63 -2.60
C GLY A 517 -29.43 11.49 -2.92
N ARG A 518 -28.75 10.58 -2.21
CA ARG A 518 -27.32 10.32 -2.40
C ARG A 518 -26.99 9.76 -3.79
N ALA A 519 -27.90 8.93 -4.37
CA ALA A 519 -27.73 8.36 -5.72
C ALA A 519 -27.72 9.46 -6.77
N ALA A 520 -28.61 10.47 -6.65
CA ALA A 520 -28.65 11.60 -7.58
C ALA A 520 -27.37 12.40 -7.50
N ILE A 521 -26.80 12.55 -6.27
CA ILE A 521 -25.52 13.23 -6.09
C ILE A 521 -24.40 12.46 -6.86
N CYS A 522 -24.42 11.11 -6.85
CA CYS A 522 -23.46 10.26 -7.58
C CYS A 522 -23.58 10.55 -9.07
N GLY A 523 -24.81 10.56 -9.58
CA GLY A 523 -25.06 10.83 -10.99
C GLY A 523 -24.60 12.22 -11.42
N LYS A 524 -24.89 13.22 -10.59
CA LYS A 524 -24.56 14.62 -10.85
C LYS A 524 -23.07 14.91 -10.85
N TYR A 525 -22.40 14.49 -9.76
CA TYR A 525 -20.98 14.80 -9.58
C TYR A 525 -20.01 13.89 -10.30
N LEU A 526 -20.24 12.59 -10.19
CA LEU A 526 -19.31 11.63 -10.75
C LEU A 526 -19.40 11.51 -12.25
N PHE A 527 -20.55 11.86 -12.83
CA PHE A 527 -20.77 11.70 -14.26
C PHE A 527 -21.03 13.00 -15.05
N ASN A 528 -20.63 14.16 -14.49
CA ASN A 528 -20.79 15.45 -15.19
C ASN A 528 -19.91 15.50 -16.44
N TRP A 529 -18.81 14.72 -16.45
CA TRP A 529 -17.90 14.63 -17.59
C TRP A 529 -18.61 14.01 -18.81
N ALA A 530 -19.67 13.20 -18.59
CA ALA A 530 -20.39 12.44 -19.64
C ALA A 530 -21.41 13.25 -20.45
N VAL A 531 -21.77 14.47 -19.98
CA VAL A 531 -22.75 15.33 -20.65
C VAL A 531 -22.15 16.62 -21.19
N ARG A 532 -22.72 17.11 -22.29
CA ARG A 532 -22.30 18.37 -22.93
C ARG A 532 -22.85 19.53 -22.10
N THR A 533 -24.14 19.47 -21.69
CA THR A 533 -24.75 20.53 -20.89
C THR A 533 -24.51 20.21 -19.40
N LYS A 534 -23.44 20.81 -18.87
CA LYS A 534 -22.92 20.61 -17.53
C LYS A 534 -23.79 21.13 -16.42
N LEU A 535 -23.90 20.37 -15.34
CA LEU A 535 -24.61 20.82 -14.13
C LEU A 535 -23.60 21.60 -13.29
N LYS A 536 -24.09 22.56 -12.47
CA LYS A 536 -23.23 23.37 -11.60
C LYS A 536 -22.86 22.53 -10.40
N LEU A 537 -21.56 22.32 -10.20
CA LEU A 537 -21.08 21.49 -9.11
C LEU A 537 -20.64 22.33 -7.94
N THR A 538 -21.52 22.42 -6.95
CA THR A 538 -21.33 23.21 -5.74
C THR A 538 -20.83 22.28 -4.61
N PRO A 539 -20.15 22.79 -3.56
CA PRO A 539 -19.68 21.91 -2.49
C PRO A 539 -20.81 21.05 -1.92
N ILE A 540 -20.58 19.74 -1.75
CA ILE A 540 -21.59 18.83 -1.19
C ILE A 540 -21.56 19.05 0.33
N ALA A 541 -22.73 19.27 0.94
CA ALA A 541 -22.83 19.53 2.40
C ALA A 541 -22.27 18.35 3.20
N ALA A 542 -22.56 17.10 2.77
CA ALA A 542 -22.06 15.89 3.42
C ALA A 542 -20.52 15.79 3.44
N ALA A 543 -19.81 16.48 2.48
CA ALA A 543 -18.34 16.50 2.43
C ALA A 543 -17.73 17.25 3.63
N GLY A 544 -18.40 18.31 4.07
CA GLY A 544 -17.94 19.09 5.21
C GLY A 544 -18.26 18.40 6.52
N ARG A 545 -19.41 17.71 6.59
CA ARG A 545 -19.85 17.00 7.79
C ARG A 545 -18.95 15.80 8.15
N LEU A 546 -18.50 15.03 7.15
CA LEU A 546 -17.69 13.83 7.39
C LEU A 546 -16.28 14.10 7.86
N ASP A 547 -15.63 13.05 8.34
CA ASP A 547 -14.22 13.07 8.67
C ASP A 547 -13.63 11.87 8.00
N LEU A 548 -12.79 12.13 6.99
CA LEU A 548 -12.17 11.09 6.15
C LEU A 548 -11.39 10.07 6.91
N SER A 549 -10.47 10.52 7.73
CA SER A 549 -9.56 9.70 8.49
C SER A 549 -10.23 8.79 9.50
N GLY A 550 -11.28 9.29 10.17
CA GLY A 550 -11.96 8.56 11.24
C GLY A 550 -13.31 7.90 11.01
N TRP A 551 -14.19 8.50 10.20
CA TRP A 551 -15.54 7.91 10.00
C TRP A 551 -15.59 6.52 9.33
N PHE A 552 -14.68 6.26 8.39
CA PHE A 552 -14.72 5.08 7.51
C PHE A 552 -13.73 3.96 7.83
N THR A 553 -12.91 4.14 8.88
CA THR A 553 -11.88 3.18 9.33
C THR A 553 -12.47 1.84 9.76
N ALA A 554 -11.89 0.76 9.25
CA ALA A 554 -12.27 -0.62 9.57
C ALA A 554 -11.01 -1.35 10.11
N GLY A 555 -10.02 -0.57 10.54
CA GLY A 555 -8.82 -1.14 11.11
C GLY A 555 -7.55 -0.98 10.30
N TYR A 556 -6.51 -1.66 10.75
CA TYR A 556 -5.20 -1.54 10.15
C TYR A 556 -4.40 -2.82 10.18
N SER A 557 -3.71 -3.12 9.08
CA SER A 557 -2.79 -4.26 8.96
C SER A 557 -1.45 -3.64 8.63
N GLY A 558 -0.51 -3.72 9.58
CA GLY A 558 0.83 -3.16 9.46
C GLY A 558 1.68 -3.73 8.36
N GLY A 559 1.36 -4.96 7.97
CA GLY A 559 2.02 -5.71 6.91
C GLY A 559 1.05 -6.19 5.87
N ASP A 560 1.47 -7.14 5.04
CA ASP A 560 0.65 -7.73 3.98
C ASP A 560 -0.61 -8.45 4.52
N ILE A 561 -1.58 -8.72 3.61
CA ILE A 561 -2.89 -9.36 3.83
C ILE A 561 -2.93 -10.61 4.74
N TYR A 562 -3.22 -11.81 4.18
CA TYR A 562 -3.35 -13.05 4.96
C TYR A 562 -3.12 -14.31 4.11
#